data_6J5X
#
_entry.id   6J5X
#
_cell.length_a   66.621
_cell.length_b   71.296
_cell.length_c   112.260
_cell.angle_alpha   90.000
_cell.angle_beta   90.000
_cell.angle_gamma   90.000
#
_symmetry.space_group_name_H-M   'P 21 21 21'
#
loop_
_entity.id
_entity.type
_entity.pdbx_description
1 polymer 'Predicted 2-keto-4-pentenoate hydratase/2-oxohepta-3-ene-1,7-dioic acid hydratase'
2 non-polymer 'SULFATE ION'
3 non-polymer 'MANGANESE (II) ION'
4 non-polymer 'PYRUVIC ACID'
5 water water
#
_entity_poly.entity_id   1
_entity_poly.type   'polypeptide(L)'
_entity_poly.pdbx_seq_one_letter_code
;MRLATIRTNGTTIAARVESENTATTIEGFANVGELLQESNWRELAENAAGEAVTFENKELDAVVPAPKKIVCVGLNYANH
IKEMGRDLPDTPTLFVKFPDALIGPFDDVVVPEWANKALDWEGEMAVIIGKRARRVKQADAAEYIAGYAVMNDYTTRDFQ
YAAPAKTPQWHQGKSLEKSAGFGPWMTTPDSFEFGGELATYLEGEKVQSTPTNDLVFSPEKLIEYITHIYPLDAGDVIVT
GTPGGVGHARNPQRYIGDGETVKVEIAGLGFIENKTVFELEHHHHHH
;
_entity_poly.pdbx_strand_id   A,B
#
# COMPACT_ATOMS: atom_id res chain seq x y z
N MET A 1 19.89 20.29 -7.60
CA MET A 1 19.19 20.94 -6.44
C MET A 1 18.87 19.87 -5.39
N ARG A 2 18.87 20.26 -4.12
CA ARG A 2 18.62 19.34 -2.97
C ARG A 2 17.50 19.91 -2.12
N LEU A 3 16.45 19.09 -1.87
CA LEU A 3 15.25 19.53 -1.12
C LEU A 3 15.10 18.64 0.11
N ALA A 4 14.90 19.28 1.27
CA ALA A 4 14.79 18.62 2.59
C ALA A 4 13.46 19.01 3.23
N THR A 5 12.98 18.10 4.05
CA THR A 5 11.94 18.34 5.06
C THR A 5 12.69 18.46 6.39
N ILE A 6 12.52 19.60 7.04
CA ILE A 6 13.30 19.96 8.26
C ILE A 6 12.29 20.24 9.38
N ARG A 7 12.52 19.63 10.53
CA ARG A 7 11.73 19.90 11.75
C ARG A 7 12.34 21.14 12.35
N THR A 8 11.50 22.12 12.68
CA THR A 8 11.87 23.37 13.38
C THR A 8 10.97 23.49 14.62
N ASN A 9 11.33 22.80 15.71
CA ASN A 9 10.58 22.79 16.99
C ASN A 9 9.16 22.27 16.76
N GLY A 10 8.11 23.08 16.96
CA GLY A 10 6.73 22.65 16.79
C GLY A 10 6.28 22.64 15.33
N THR A 11 7.13 23.09 14.40
CA THR A 11 6.78 23.21 12.96
C THR A 11 7.74 22.37 12.13
N THR A 12 7.39 22.17 10.86
CA THR A 12 8.27 21.51 9.87
C THR A 12 8.15 22.29 8.58
N ILE A 13 9.20 22.28 7.78
CA ILE A 13 9.28 23.17 6.59
C ILE A 13 9.78 22.34 5.43
N ALA A 14 9.44 22.76 4.21
CA ALA A 14 10.15 22.40 2.96
C ALA A 14 11.32 23.40 2.81
N ALA A 15 12.49 22.93 2.43
CA ALA A 15 13.68 23.80 2.31
C ALA A 15 14.60 23.37 1.17
N ARG A 16 15.29 24.35 0.60
CA ARG A 16 16.39 24.14 -0.38
C ARG A 16 17.70 24.09 0.39
N VAL A 17 18.32 22.92 0.38
CA VAL A 17 19.60 22.66 1.10
C VAL A 17 20.70 23.53 0.46
N GLU A 18 21.46 24.25 1.29
CA GLU A 18 22.54 25.15 0.82
C GLU A 18 23.90 24.50 1.12
N SER A 19 23.99 23.76 2.21
CA SER A 19 25.22 23.10 2.68
C SER A 19 24.77 21.88 3.48
N GLU A 20 25.70 21.08 3.98
CA GLU A 20 25.40 19.89 4.82
C GLU A 20 24.52 20.28 6.03
N ASN A 21 24.55 21.54 6.50
CA ASN A 21 23.90 21.98 7.77
C ASN A 21 23.05 23.26 7.60
N THR A 22 22.89 23.82 6.38
CA THR A 22 22.05 25.03 6.14
C THR A 22 21.08 24.84 4.97
N ALA A 23 20.05 25.68 4.93
CA ALA A 23 18.97 25.65 3.93
C ALA A 23 18.22 26.97 3.92
N THR A 24 17.47 27.20 2.84
CA THR A 24 16.52 28.32 2.63
C THR A 24 15.11 27.75 2.63
N THR A 25 14.29 28.20 3.59
CA THR A 25 12.86 27.88 3.71
C THR A 25 12.20 28.13 2.37
N ILE A 26 11.44 27.14 1.89
CA ILE A 26 10.53 27.32 0.74
C ILE A 26 9.16 27.68 1.32
N GLU A 27 8.77 28.94 1.15
CA GLU A 27 7.60 29.51 1.88
C GLU A 27 6.34 28.79 1.45
N GLY A 28 5.47 28.45 2.41
CA GLY A 28 4.09 28.01 2.18
C GLY A 28 3.93 26.50 2.18
N PHE A 29 4.96 25.74 2.53
CA PHE A 29 4.91 24.24 2.49
C PHE A 29 5.52 23.66 3.76
N ALA A 30 4.85 22.63 4.28
CA ALA A 30 5.31 21.92 5.50
C ALA A 30 6.39 20.89 5.19
N ASN A 31 6.44 20.38 3.95
CA ASN A 31 7.34 19.26 3.59
C ASN A 31 7.47 19.21 2.07
N VAL A 32 8.47 18.48 1.61
CA VAL A 32 8.79 18.35 0.15
C VAL A 32 7.60 17.66 -0.55
N GLY A 33 6.91 16.73 0.10
CA GLY A 33 5.73 16.07 -0.51
C GLY A 33 4.66 17.08 -0.89
N GLU A 34 4.31 17.98 0.02
CA GLU A 34 3.30 19.05 -0.20
C GLU A 34 3.73 19.96 -1.35
N LEU A 35 5.01 20.30 -1.37
CA LEU A 35 5.58 21.19 -2.43
C LEU A 35 5.43 20.49 -3.79
N LEU A 36 5.72 19.20 -3.87
CA LEU A 36 5.69 18.44 -5.14
C LEU A 36 4.26 18.37 -5.69
N GLN A 37 3.24 18.71 -4.91
CA GLN A 37 1.86 18.69 -5.45
C GLN A 37 1.62 19.91 -6.35
N GLU A 38 2.50 20.92 -6.33
CA GLU A 38 2.41 22.11 -7.22
C GLU A 38 3.02 21.79 -8.59
N SER A 39 2.36 22.23 -9.67
CA SER A 39 2.81 22.13 -11.07
C SER A 39 4.23 22.66 -11.19
N ASN A 40 4.47 23.82 -10.59
CA ASN A 40 5.72 24.61 -10.72
C ASN A 40 6.58 24.43 -9.47
N TRP A 41 6.59 23.25 -8.83
CA TRP A 41 7.39 23.05 -7.59
C TRP A 41 8.86 23.38 -7.82
N ARG A 42 9.38 23.04 -9.00
CA ARG A 42 10.80 23.18 -9.37
C ARG A 42 11.19 24.66 -9.29
N GLU A 43 10.36 25.51 -9.90
CA GLU A 43 10.47 26.99 -9.86
C GLU A 43 10.36 27.51 -8.41
N LEU A 44 9.31 27.14 -7.68
CA LEU A 44 9.15 27.58 -6.27
C LEU A 44 10.42 27.28 -5.48
N ALA A 45 11.03 26.10 -5.68
CA ALA A 45 12.25 25.63 -4.99
C ALA A 45 13.50 26.42 -5.43
N GLU A 46 13.70 26.59 -6.74
CA GLU A 46 14.84 27.39 -7.29
C GLU A 46 14.79 28.84 -6.76
N ASN A 47 13.59 29.39 -6.58
CA ASN A 47 13.37 30.80 -6.18
C ASN A 47 13.05 30.89 -4.68
N ALA A 48 13.40 29.87 -3.89
CA ALA A 48 13.19 29.86 -2.43
C ALA A 48 13.72 31.17 -1.84
N ALA A 49 12.92 31.86 -1.05
CA ALA A 49 13.30 33.17 -0.46
C ALA A 49 12.77 33.30 0.97
N GLY A 50 12.57 32.17 1.66
CA GLY A 50 12.15 32.15 3.08
C GLY A 50 13.36 32.25 3.98
N GLU A 51 13.18 32.07 5.30
CA GLU A 51 14.27 32.31 6.28
C GLU A 51 15.38 31.25 6.14
N ALA A 52 16.64 31.69 6.20
CA ALA A 52 17.83 30.82 6.24
C ALA A 52 17.77 30.04 7.55
N VAL A 53 18.06 28.76 7.51
CA VAL A 53 18.03 27.93 8.76
C VAL A 53 19.32 27.14 8.85
N THR A 54 19.70 26.86 10.08
CA THR A 54 20.79 25.93 10.44
C THR A 54 20.14 24.73 11.08
N PHE A 55 20.32 23.54 10.52
CA PHE A 55 19.71 22.30 11.05
C PHE A 55 20.80 21.32 11.48
N GLU A 56 20.47 20.51 12.48
CA GLU A 56 21.23 19.30 12.87
C GLU A 56 20.69 18.07 12.14
N ASN A 57 21.50 17.00 12.11
CA ASN A 57 21.22 15.73 11.36
C ASN A 57 19.86 15.20 11.79
N LYS A 58 19.64 15.19 13.11
CA LYS A 58 18.48 14.57 13.79
C LYS A 58 17.20 15.41 13.60
N GLU A 59 17.29 16.60 13.03
CA GLU A 59 16.14 17.50 12.75
C GLU A 59 15.63 17.27 11.32
N LEU A 60 16.37 16.53 10.48
CA LEU A 60 15.83 16.11 9.15
C LEU A 60 14.69 15.10 9.37
N ASP A 61 13.56 15.37 8.73
CA ASP A 61 12.41 14.44 8.62
C ASP A 61 12.62 13.55 7.40
N ALA A 62 11.87 12.46 7.33
CA ALA A 62 11.72 11.70 6.06
C ALA A 62 11.49 12.69 4.92
N VAL A 63 12.30 12.61 3.86
CA VAL A 63 12.36 13.72 2.86
C VAL A 63 10.97 13.96 2.28
N VAL A 64 10.24 12.89 1.91
CA VAL A 64 8.78 12.92 1.62
C VAL A 64 8.11 12.10 2.71
N PRO A 65 7.55 12.78 3.75
CA PRO A 65 7.11 12.06 4.94
C PRO A 65 5.75 11.35 4.76
N ALA A 66 4.96 11.74 3.77
CA ALA A 66 3.60 11.21 3.56
C ALA A 66 3.31 10.94 2.09
N PRO A 67 4.10 10.05 1.44
CA PRO A 67 3.77 9.64 0.10
C PRO A 67 2.51 8.77 0.21
N LYS A 68 1.73 8.73 -0.85
CA LYS A 68 0.51 7.88 -0.95
C LYS A 68 0.95 6.45 -1.25
N LYS A 69 2.05 6.27 -1.97
CA LYS A 69 2.54 4.95 -2.37
C LYS A 69 4.03 4.87 -2.18
N ILE A 70 4.48 3.78 -1.57
CA ILE A 70 5.91 3.38 -1.56
C ILE A 70 5.96 1.98 -2.17
N VAL A 71 6.37 1.92 -3.43
CA VAL A 71 6.46 0.65 -4.20
C VAL A 71 7.92 0.19 -4.17
N CYS A 72 8.15 -0.99 -3.60
CA CYS A 72 9.50 -1.54 -3.31
C CYS A 72 9.78 -2.66 -4.30
N VAL A 73 11.02 -2.71 -4.77
CA VAL A 73 11.42 -3.72 -5.78
C VAL A 73 12.21 -4.83 -5.11
N GLY A 74 12.13 -6.04 -5.67
CA GLY A 74 12.92 -7.21 -5.22
C GLY A 74 14.35 -7.16 -5.74
N LEU A 75 14.85 -8.32 -6.21
CA LEU A 75 16.19 -8.43 -6.86
C LEU A 75 16.29 -7.40 -7.98
N ASN A 76 17.32 -6.55 -8.01
CA ASN A 76 17.47 -5.54 -9.08
C ASN A 76 18.94 -5.20 -9.38
N TYR A 77 19.95 -5.85 -8.76
CA TYR A 77 21.37 -5.57 -9.16
C TYR A 77 21.93 -6.79 -9.90
N ALA A 78 22.24 -6.57 -11.18
CA ALA A 78 22.51 -7.64 -12.19
C ALA A 78 23.64 -8.55 -11.72
N ASN A 79 24.79 -7.96 -11.38
CA ASN A 79 26.00 -8.75 -11.03
C ASN A 79 25.73 -9.47 -9.71
N HIS A 80 24.86 -8.93 -8.84
CA HIS A 80 24.48 -9.64 -7.59
C HIS A 80 23.72 -10.91 -7.95
N ILE A 81 22.76 -10.80 -8.86
CA ILE A 81 21.86 -11.93 -9.26
C ILE A 81 22.71 -13.01 -9.98
N LYS A 82 23.61 -12.60 -10.86
CA LYS A 82 24.46 -13.56 -11.65
C LYS A 82 25.38 -14.37 -10.69
N GLU A 83 25.94 -13.73 -9.67
CA GLU A 83 26.91 -14.41 -8.75
C GLU A 83 26.19 -15.34 -7.80
N MET A 84 24.90 -15.17 -7.61
CA MET A 84 24.07 -16.16 -6.87
C MET A 84 23.75 -17.33 -7.81
N GLY A 85 24.17 -17.26 -9.07
CA GLY A 85 23.86 -18.23 -10.15
C GLY A 85 22.41 -18.23 -10.58
N ARG A 86 21.72 -17.08 -10.48
CA ARG A 86 20.30 -16.94 -10.91
C ARG A 86 20.21 -16.29 -12.29
N ASP A 87 19.12 -16.55 -13.02
CA ASP A 87 18.73 -15.81 -14.25
C ASP A 87 18.45 -14.37 -13.91
N LEU A 88 18.73 -13.43 -14.81
CA LEU A 88 18.17 -12.08 -14.63
C LEU A 88 16.65 -12.19 -14.78
N PRO A 89 15.84 -11.59 -13.88
CA PRO A 89 14.39 -11.56 -14.05
C PRO A 89 13.99 -10.77 -15.31
N ASP A 90 12.91 -11.18 -15.99
CA ASP A 90 12.29 -10.39 -17.08
C ASP A 90 11.18 -9.47 -16.52
N THR A 91 10.69 -9.73 -15.31
CA THR A 91 9.55 -8.99 -14.75
C THR A 91 9.92 -8.45 -13.38
N PRO A 92 9.62 -7.18 -13.02
CA PRO A 92 9.88 -6.70 -11.65
C PRO A 92 9.05 -7.35 -10.55
N THR A 93 9.74 -7.61 -9.43
CA THR A 93 9.14 -7.96 -8.14
C THR A 93 8.72 -6.67 -7.45
N LEU A 94 7.44 -6.57 -7.08
CA LEU A 94 6.88 -5.38 -6.41
C LEU A 94 6.15 -5.79 -5.12
N PHE A 95 6.35 -4.99 -4.07
CA PHE A 95 5.59 -5.12 -2.80
C PHE A 95 5.49 -3.75 -2.14
N VAL A 96 4.55 -3.63 -1.18
CA VAL A 96 4.21 -2.29 -0.64
C VAL A 96 4.81 -2.10 0.75
N LYS A 97 5.39 -0.91 0.96
CA LYS A 97 5.71 -0.37 2.31
C LYS A 97 4.73 0.76 2.60
N PHE A 98 4.04 0.72 3.73
CA PHE A 98 3.13 1.82 4.10
C PHE A 98 3.94 3.00 4.63
N PRO A 99 3.47 4.26 4.39
CA PRO A 99 4.21 5.44 4.82
C PRO A 99 4.42 5.53 6.34
N ASP A 100 3.59 4.84 7.12
CA ASP A 100 3.76 4.68 8.59
C ASP A 100 5.15 4.10 8.88
N ALA A 101 5.76 3.37 7.94
CA ALA A 101 7.12 2.75 8.09
C ALA A 101 8.23 3.81 8.08
N LEU A 102 8.01 5.00 7.51
CA LEU A 102 9.09 5.97 7.24
C LEU A 102 9.53 6.62 8.55
N ILE A 103 10.83 6.84 8.66
CA ILE A 103 11.42 7.77 9.66
C ILE A 103 12.41 8.72 8.98
N GLY A 104 12.93 9.64 9.77
CA GLY A 104 13.96 10.59 9.33
C GLY A 104 15.25 9.85 9.01
N PRO A 105 16.09 10.44 8.16
CA PRO A 105 17.36 9.85 7.73
C PRO A 105 18.34 9.58 8.88
N PHE A 106 18.17 10.22 10.06
CA PHE A 106 19.06 10.02 11.23
C PHE A 106 18.28 9.56 12.46
N ASP A 107 17.00 9.22 12.30
CA ASP A 107 16.11 8.80 13.41
C ASP A 107 16.54 7.43 13.90
N ASP A 108 16.31 7.15 15.17
CA ASP A 108 16.42 5.80 15.74
C ASP A 108 15.25 4.98 15.22
N VAL A 109 15.51 3.69 14.98
CA VAL A 109 14.51 2.63 14.70
C VAL A 109 14.10 2.00 16.02
N VAL A 110 12.97 2.41 16.57
CA VAL A 110 12.49 1.87 17.88
C VAL A 110 11.63 0.64 17.62
N VAL A 111 12.04 -0.52 18.12
CA VAL A 111 11.46 -1.85 17.80
C VAL A 111 10.82 -2.49 19.02
N PRO A 112 9.55 -2.95 18.93
CA PRO A 112 8.94 -3.71 20.00
C PRO A 112 9.46 -5.15 20.06
N GLU A 113 9.23 -5.78 21.22
CA GLU A 113 9.82 -7.10 21.61
C GLU A 113 9.46 -8.17 20.56
N TRP A 114 8.23 -8.23 20.11
CA TRP A 114 7.74 -9.26 19.14
C TRP A 114 8.43 -9.10 17.77
N ALA A 115 9.07 -7.98 17.45
CA ALA A 115 9.61 -7.70 16.10
C ALA A 115 11.15 -7.71 16.10
N ASN A 116 11.79 -8.02 17.24
CA ASN A 116 13.22 -7.67 17.38
C ASN A 116 14.17 -8.87 17.07
N LYS A 117 13.66 -10.00 16.55
CA LYS A 117 14.40 -11.30 16.52
C LYS A 117 15.17 -11.49 15.20
N ALA A 118 14.80 -10.79 14.12
CA ALA A 118 15.44 -11.03 12.79
C ALA A 118 15.51 -9.72 12.00
N LEU A 119 16.04 -8.67 12.62
CA LEU A 119 16.13 -7.32 12.04
C LEU A 119 17.25 -7.32 11.00
N ASP A 120 16.99 -6.78 9.83
CA ASP A 120 17.97 -6.80 8.72
C ASP A 120 17.90 -5.50 7.93
N TRP A 121 19.03 -5.14 7.34
CA TRP A 121 19.24 -3.93 6.50
C TRP A 121 18.97 -4.27 5.05
N GLU A 122 18.46 -3.30 4.28
CA GLU A 122 18.52 -3.23 2.81
C GLU A 122 18.76 -1.78 2.37
N GLY A 123 19.99 -1.46 2.00
CA GLY A 123 20.33 -0.13 1.50
C GLY A 123 19.87 -0.02 0.07
N GLU A 124 19.08 1.01 -0.25
CA GLU A 124 18.46 1.16 -1.58
C GLU A 124 18.44 2.62 -1.99
N MET A 125 18.38 2.84 -3.31
CA MET A 125 18.03 4.16 -3.83
C MET A 125 16.50 4.27 -3.84
N ALA A 126 16.01 5.49 -3.61
CA ALA A 126 14.60 5.90 -3.77
C ALA A 126 14.48 6.83 -4.98
N VAL A 127 13.44 6.60 -5.79
CA VAL A 127 12.98 7.48 -6.88
C VAL A 127 11.71 8.19 -6.41
N ILE A 128 11.73 9.50 -6.36
CA ILE A 128 10.55 10.32 -5.97
C ILE A 128 9.92 10.87 -7.25
N ILE A 129 8.61 10.69 -7.39
CA ILE A 129 7.78 11.04 -8.58
C ILE A 129 7.45 12.52 -8.50
N GLY A 130 7.53 13.24 -9.63
CA GLY A 130 7.42 14.71 -9.71
C GLY A 130 6.09 15.20 -10.25
N LYS A 131 5.32 14.33 -10.90
CA LYS A 131 3.94 14.68 -11.34
C LYS A 131 3.23 13.37 -11.66
N ARG A 132 1.92 13.45 -11.83
CA ARG A 132 1.06 12.24 -11.92
C ARG A 132 1.50 11.42 -13.13
N ALA A 133 1.75 10.12 -12.92
CA ALA A 133 2.30 9.15 -13.88
C ALA A 133 1.30 8.00 -14.04
N ARG A 134 0.58 7.97 -15.16
CA ARG A 134 -0.40 6.92 -15.52
C ARG A 134 -0.08 6.46 -16.94
N ARG A 135 0.18 5.17 -17.11
CA ARG A 135 0.48 4.58 -18.43
C ARG A 135 1.58 5.39 -19.15
N VAL A 136 2.70 5.64 -18.44
CA VAL A 136 3.88 6.38 -18.96
C VAL A 136 4.81 5.36 -19.65
N LYS A 137 5.17 5.62 -20.90
CA LYS A 137 6.14 4.80 -21.66
C LYS A 137 7.55 5.07 -21.12
N GLN A 138 8.40 4.04 -21.13
CA GLN A 138 9.81 4.14 -20.65
C GLN A 138 10.50 5.36 -21.29
N ALA A 139 10.36 5.58 -22.61
CA ALA A 139 10.94 6.72 -23.36
C ALA A 139 10.57 8.05 -22.70
N ASP A 140 9.41 8.14 -22.04
CA ASP A 140 8.91 9.44 -21.50
C ASP A 140 9.12 9.54 -19.98
N ALA A 141 9.62 8.49 -19.30
CA ALA A 141 9.50 8.35 -17.83
C ALA A 141 10.40 9.33 -17.08
N ALA A 142 11.54 9.76 -17.66
CA ALA A 142 12.50 10.65 -16.97
C ALA A 142 11.80 11.96 -16.56
N GLU A 143 10.85 12.43 -17.38
CA GLU A 143 10.04 13.66 -17.19
C GLU A 143 9.28 13.60 -15.86
N TYR A 144 8.99 12.38 -15.36
CA TYR A 144 8.11 12.17 -14.18
C TYR A 144 8.94 11.99 -12.90
N ILE A 145 10.27 12.03 -12.99
CA ILE A 145 11.18 11.85 -11.82
C ILE A 145 11.51 13.23 -11.26
N ALA A 146 11.10 13.50 -10.01
CA ALA A 146 11.44 14.74 -9.27
C ALA A 146 12.90 14.69 -8.84
N GLY A 147 13.34 13.54 -8.35
CA GLY A 147 14.74 13.31 -7.94
C GLY A 147 14.93 12.02 -7.19
N TYR A 148 16.05 11.89 -6.52
CA TYR A 148 16.53 10.63 -5.91
C TYR A 148 16.88 10.88 -4.44
N ALA A 149 16.83 9.82 -3.64
CA ALA A 149 17.24 9.81 -2.23
C ALA A 149 17.62 8.39 -1.82
N VAL A 150 17.79 8.18 -0.53
CA VAL A 150 18.30 6.90 0.02
C VAL A 150 17.26 6.39 1.01
N MET A 151 17.03 5.10 1.00
CA MET A 151 16.14 4.44 2.00
C MET A 151 16.80 3.14 2.46
N ASN A 152 16.58 2.79 3.73
CA ASN A 152 16.79 1.45 4.30
C ASN A 152 15.44 0.73 4.25
N ASP A 153 15.31 -0.25 3.38
CA ASP A 153 14.10 -1.12 3.35
C ASP A 153 14.24 -2.09 4.52
N TYR A 154 14.09 -1.52 5.72
CA TYR A 154 14.42 -2.17 7.00
C TYR A 154 13.44 -3.32 7.18
N THR A 155 13.96 -4.51 7.43
CA THR A 155 13.17 -5.76 7.32
C THR A 155 13.13 -6.53 8.64
N THR A 156 11.98 -7.13 8.94
CA THR A 156 11.77 -8.20 9.95
C THR A 156 11.69 -9.51 9.19
N ARG A 157 12.83 -10.21 9.05
CA ARG A 157 12.94 -11.41 8.16
C ARG A 157 12.01 -12.53 8.59
N ASP A 158 11.79 -12.72 9.89
CA ASP A 158 10.85 -13.74 10.44
C ASP A 158 9.42 -13.43 9.99
N PHE A 159 9.01 -12.16 10.02
CA PHE A 159 7.67 -11.74 9.51
C PHE A 159 7.64 -11.89 7.98
N GLN A 160 8.70 -11.49 7.30
CA GLN A 160 8.75 -11.45 5.82
C GLN A 160 8.41 -12.83 5.24
N TYR A 161 8.91 -13.90 5.86
CA TYR A 161 8.87 -15.26 5.26
C TYR A 161 7.80 -16.11 5.96
N ALA A 162 7.01 -15.51 6.85
CA ALA A 162 6.03 -16.22 7.71
C ALA A 162 4.94 -16.91 6.89
N ALA A 163 4.29 -16.23 5.92
CA ALA A 163 3.00 -16.72 5.45
C ALA A 163 2.73 -16.28 4.02
N PRO A 164 2.29 -17.18 3.12
CA PRO A 164 2.27 -18.63 3.41
C PRO A 164 3.69 -19.21 3.32
N ALA A 165 3.95 -20.32 4.00
CA ALA A 165 5.31 -20.88 4.16
C ALA A 165 6.03 -21.01 2.80
N LYS A 166 5.38 -21.55 1.76
CA LYS A 166 6.07 -21.91 0.50
C LYS A 166 6.23 -20.69 -0.43
N THR A 167 5.27 -19.76 -0.46
CA THR A 167 5.34 -18.50 -1.26
C THR A 167 4.97 -17.33 -0.37
N PRO A 168 5.84 -16.94 0.59
CA PRO A 168 5.50 -15.91 1.57
C PRO A 168 5.27 -14.54 0.93
N GLN A 169 4.29 -13.80 1.44
CA GLN A 169 4.02 -12.39 1.05
C GLN A 169 4.85 -11.54 2.02
N TRP A 170 5.84 -10.85 1.46
CA TRP A 170 6.90 -10.12 2.20
C TRP A 170 6.33 -8.93 3.01
N HIS A 171 5.21 -8.34 2.55
CA HIS A 171 4.65 -7.05 3.04
C HIS A 171 4.75 -6.92 4.57
N GLN A 172 4.32 -7.93 5.33
CA GLN A 172 4.22 -7.83 6.80
C GLN A 172 5.61 -7.72 7.44
N GLY A 173 6.67 -8.14 6.76
CA GLY A 173 8.06 -7.94 7.21
C GLY A 173 8.75 -6.75 6.57
N LYS A 174 8.01 -5.95 5.81
CA LYS A 174 8.53 -4.81 5.04
C LYS A 174 7.79 -3.51 5.37
N SER A 175 6.99 -3.47 6.43
CA SER A 175 6.17 -2.27 6.69
C SER A 175 6.05 -1.99 8.18
N LEU A 176 7.05 -2.40 8.96
CA LEU A 176 7.03 -2.16 10.41
C LEU A 176 6.94 -0.65 10.66
N GLU A 177 6.02 -0.25 11.52
CA GLU A 177 5.90 1.15 12.00
C GLU A 177 7.30 1.69 12.29
N LYS A 178 7.59 2.89 11.77
CA LYS A 178 8.73 3.74 12.20
C LYS A 178 10.03 2.94 12.09
N SER A 179 10.29 2.34 10.92
CA SER A 179 11.47 1.45 10.69
C SER A 179 12.43 1.98 9.61
N ALA A 180 11.99 2.75 8.64
CA ALA A 180 12.67 2.92 7.34
C ALA A 180 13.19 4.36 7.18
N GLY A 181 14.49 4.56 7.42
CA GLY A 181 15.14 5.87 7.25
C GLY A 181 15.09 6.29 5.80
N PHE A 182 14.84 7.58 5.57
CA PHE A 182 14.52 8.11 4.23
C PHE A 182 15.03 9.55 4.06
N GLY A 183 16.02 9.71 3.19
CA GLY A 183 16.63 11.01 2.89
C GLY A 183 18.05 10.85 2.36
N PRO A 184 19.01 11.71 2.78
CA PRO A 184 18.77 12.78 3.75
C PRO A 184 17.90 13.92 3.21
N TRP A 185 17.92 14.04 1.87
CA TRP A 185 17.22 15.05 1.06
C TRP A 185 17.10 14.48 -0.36
N MET A 186 16.27 15.12 -1.18
CA MET A 186 16.06 14.69 -2.58
C MET A 186 16.97 15.53 -3.48
N THR A 187 17.80 14.86 -4.29
CA THR A 187 18.65 15.46 -5.35
C THR A 187 17.94 15.36 -6.71
N THR A 188 17.82 16.47 -7.41
CA THR A 188 17.17 16.54 -8.75
C THR A 188 18.05 15.76 -9.73
N PRO A 189 17.47 15.12 -10.77
CA PRO A 189 18.25 14.27 -11.68
C PRO A 189 19.37 15.02 -12.43
N ASP A 190 19.22 16.33 -12.67
CA ASP A 190 20.26 17.20 -13.29
C ASP A 190 21.48 17.34 -12.39
N SER A 191 21.40 16.98 -11.10
CA SER A 191 22.51 17.14 -10.13
C SER A 191 22.98 15.77 -9.64
N PHE A 192 22.62 14.69 -10.35
CA PHE A 192 23.01 13.31 -9.97
C PHE A 192 23.41 12.53 -11.22
N GLU A 193 24.46 11.71 -11.10
CA GLU A 193 24.96 10.82 -12.18
C GLU A 193 25.02 9.39 -11.63
N PHE A 194 24.34 8.44 -12.27
CA PHE A 194 24.37 7.01 -11.87
C PHE A 194 25.79 6.49 -12.08
N GLY A 195 26.19 5.46 -11.33
CA GLY A 195 27.53 4.83 -11.43
C GLY A 195 28.26 4.78 -10.12
N GLY A 196 28.06 5.78 -9.24
CA GLY A 196 28.67 5.81 -7.91
C GLY A 196 28.30 4.61 -7.07
N GLU A 197 28.95 4.45 -5.92
CA GLU A 197 28.75 3.28 -5.05
C GLU A 197 27.51 3.53 -4.17
N LEU A 198 26.68 2.50 -4.07
CA LEU A 198 25.73 2.31 -2.95
C LEU A 198 26.40 1.36 -1.97
N ALA A 199 26.57 1.80 -0.71
CA ALA A 199 27.19 1.00 0.36
C ALA A 199 26.30 1.10 1.59
N THR A 200 26.19 -0.01 2.28
CA THR A 200 25.61 -0.16 3.62
C THR A 200 26.72 -0.55 4.59
N TYR A 201 26.69 0.05 5.79
CA TYR A 201 27.60 -0.27 6.92
C TYR A 201 26.78 -0.68 8.13
N LEU A 202 27.23 -1.73 8.82
CA LEU A 202 26.74 -2.15 10.16
C LEU A 202 27.88 -1.87 11.12
N GLU A 203 27.62 -1.00 12.11
CA GLU A 203 28.63 -0.59 13.12
C GLU A 203 29.93 -0.20 12.41
N GLY A 204 29.82 0.50 11.27
CA GLY A 204 30.96 1.06 10.53
C GLY A 204 31.66 0.07 9.62
N GLU A 205 31.32 -1.21 9.64
CA GLU A 205 31.84 -2.29 8.73
C GLU A 205 30.92 -2.43 7.50
N LYS A 206 31.48 -2.28 6.30
CA LYS A 206 30.75 -2.39 5.01
C LYS A 206 30.15 -3.79 4.90
N VAL A 207 28.84 -3.87 4.64
CA VAL A 207 28.08 -5.15 4.50
C VAL A 207 27.40 -5.23 3.13
N GLN A 208 27.30 -4.13 2.39
CA GLN A 208 26.74 -4.12 1.02
C GLN A 208 27.50 -3.11 0.20
N SER A 209 27.62 -3.38 -1.12
CA SER A 209 28.35 -2.54 -2.08
C SER A 209 27.93 -2.88 -3.51
N THR A 210 27.52 -1.88 -4.28
CA THR A 210 27.20 -2.04 -5.71
C THR A 210 27.31 -0.70 -6.39
N PRO A 211 27.77 -0.66 -7.67
CA PRO A 211 27.59 0.50 -8.49
C PRO A 211 26.08 0.69 -8.66
N THR A 212 25.64 1.95 -8.76
CA THR A 212 24.20 2.28 -8.84
C THR A 212 23.70 2.11 -10.28
N ASN A 213 24.60 1.94 -11.26
CA ASN A 213 24.20 1.78 -12.68
C ASN A 213 24.29 0.31 -13.08
N ASP A 214 24.02 -0.63 -12.18
CA ASP A 214 24.02 -2.08 -12.50
C ASP A 214 22.60 -2.65 -12.28
N LEU A 215 21.57 -1.82 -12.49
CA LEU A 215 20.14 -2.21 -12.33
C LEU A 215 19.73 -3.18 -13.45
N VAL A 216 18.83 -4.11 -13.15
CA VAL A 216 18.12 -4.90 -14.18
C VAL A 216 16.99 -4.01 -14.73
N PHE A 217 16.27 -3.33 -13.84
CA PHE A 217 15.10 -2.47 -14.17
C PHE A 217 15.45 -1.04 -13.75
N SER A 218 15.65 -0.16 -14.72
CA SER A 218 15.94 1.27 -14.51
C SER A 218 14.74 1.94 -13.86
N PRO A 219 14.93 3.13 -13.24
CA PRO A 219 13.80 3.94 -12.78
C PRO A 219 12.72 4.10 -13.86
N GLU A 220 13.14 4.36 -15.10
CA GLU A 220 12.23 4.56 -16.27
C GLU A 220 11.40 3.30 -16.56
N LYS A 221 12.04 2.14 -16.63
CA LYS A 221 11.40 0.82 -16.84
C LYS A 221 10.40 0.58 -15.71
N LEU A 222 10.78 0.91 -14.48
CA LEU A 222 9.91 0.65 -13.31
C LEU A 222 8.70 1.58 -13.37
N ILE A 223 8.90 2.83 -13.76
CA ILE A 223 7.76 3.77 -13.91
C ILE A 223 6.80 3.21 -14.98
N GLU A 224 7.33 2.81 -16.16
CA GLU A 224 6.45 2.22 -17.19
C GLU A 224 5.74 0.99 -16.61
N TYR A 225 6.48 0.09 -15.99
CA TYR A 225 5.90 -1.22 -15.57
C TYR A 225 4.81 -0.91 -14.55
N ILE A 226 5.14 -0.13 -13.52
CA ILE A 226 4.18 0.10 -12.41
C ILE A 226 2.97 0.88 -12.92
N THR A 227 3.17 1.94 -13.71
CA THR A 227 2.08 2.88 -14.04
C THR A 227 1.17 2.27 -15.13
N HIS A 228 1.47 1.09 -15.67
CA HIS A 228 0.48 0.37 -16.51
C HIS A 228 -0.41 -0.51 -15.62
N ILE A 229 -0.17 -0.57 -14.32
CA ILE A 229 -1.06 -1.29 -13.35
C ILE A 229 -1.87 -0.27 -12.55
N TYR A 230 -1.21 0.68 -11.91
CA TYR A 230 -1.91 1.81 -11.25
C TYR A 230 -1.06 3.07 -11.35
N PRO A 231 -1.70 4.26 -11.27
CA PRO A 231 -0.96 5.52 -11.30
C PRO A 231 0.01 5.71 -10.12
N LEU A 232 1.04 6.50 -10.36
CA LEU A 232 1.87 7.08 -9.27
C LEU A 232 1.61 8.58 -9.25
N ASP A 233 1.40 9.15 -8.06
CA ASP A 233 1.14 10.59 -7.87
C ASP A 233 2.45 11.32 -7.54
N ALA A 234 2.50 12.64 -7.77
CA ALA A 234 3.59 13.52 -7.26
C ALA A 234 3.85 13.15 -5.79
N GLY A 235 5.11 12.87 -5.44
CA GLY A 235 5.54 12.58 -4.04
C GLY A 235 5.54 11.10 -3.73
N ASP A 236 5.06 10.26 -4.64
CA ASP A 236 5.11 8.79 -4.45
C ASP A 236 6.55 8.34 -4.67
N VAL A 237 6.89 7.13 -4.23
CA VAL A 237 8.29 6.67 -4.14
C VAL A 237 8.41 5.24 -4.67
N ILE A 238 9.40 5.03 -5.54
CA ILE A 238 9.85 3.69 -5.94
C ILE A 238 11.21 3.45 -5.29
N VAL A 239 11.32 2.36 -4.54
CA VAL A 239 12.55 1.93 -3.84
C VAL A 239 13.18 0.78 -4.65
N THR A 240 14.33 1.00 -5.28
CA THR A 240 14.71 0.26 -6.52
C THR A 240 15.45 -1.04 -6.20
N GLY A 241 15.52 -1.49 -4.95
CA GLY A 241 16.03 -2.83 -4.60
C GLY A 241 17.41 -2.78 -3.96
N THR A 242 17.85 -3.91 -3.41
CA THR A 242 19.10 -3.98 -2.62
C THR A 242 20.04 -4.99 -3.27
N PRO A 243 21.37 -4.78 -3.18
CA PRO A 243 22.32 -5.80 -3.64
C PRO A 243 22.52 -6.89 -2.58
N GLY A 244 23.61 -7.67 -2.70
CA GLY A 244 23.86 -8.79 -1.78
C GLY A 244 24.33 -8.24 -0.45
N GLY A 245 24.64 -9.12 0.52
CA GLY A 245 25.29 -8.72 1.79
C GLY A 245 24.32 -8.55 2.95
N VAL A 246 23.03 -8.79 2.75
CA VAL A 246 22.02 -8.71 3.85
C VAL A 246 22.31 -9.79 4.90
N GLY A 247 22.10 -9.43 6.17
CA GLY A 247 22.31 -10.29 7.35
C GLY A 247 21.75 -11.68 7.16
N HIS A 248 20.50 -11.78 6.67
CA HIS A 248 19.72 -13.03 6.53
C HIS A 248 20.46 -14.05 5.66
N ALA A 249 21.20 -13.60 4.64
CA ALA A 249 21.92 -14.44 3.64
C ALA A 249 23.31 -14.86 4.15
N ARG A 250 23.84 -14.25 5.22
CA ARG A 250 25.23 -14.50 5.69
C ARG A 250 25.30 -15.84 6.43
N ASN A 251 26.50 -16.45 6.48
CA ASN A 251 26.84 -17.57 7.40
C ASN A 251 27.99 -17.13 8.29
N PRO A 252 27.77 -16.91 9.61
CA PRO A 252 26.46 -17.05 10.23
C PRO A 252 25.46 -15.94 9.83
N GLN A 253 24.17 -16.21 9.97
CA GLN A 253 23.10 -15.18 9.87
C GLN A 253 23.38 -14.10 10.93
N ARG A 254 23.33 -12.82 10.51
CA ARG A 254 23.77 -11.61 11.25
C ARG A 254 22.63 -10.58 11.22
N TYR A 255 21.80 -10.55 12.26
CA TYR A 255 20.68 -9.58 12.41
C TYR A 255 21.16 -8.37 13.21
N ILE A 256 20.41 -7.28 13.16
CA ILE A 256 20.80 -6.01 13.85
C ILE A 256 20.50 -6.22 15.34
N GLY A 257 21.45 -5.91 16.22
CA GLY A 257 21.23 -6.00 17.68
C GLY A 257 20.85 -4.65 18.27
N ASP A 258 20.38 -4.64 19.51
CA ASP A 258 19.98 -3.41 20.24
C ASP A 258 21.20 -2.49 20.25
N GLY A 259 21.04 -1.24 19.84
CA GLY A 259 22.08 -0.20 19.92
C GLY A 259 22.97 -0.13 18.68
N GLU A 260 22.77 -1.00 17.69
CA GLU A 260 23.62 -1.02 16.47
C GLU A 260 23.08 -0.09 15.37
N THR A 261 24.00 0.55 14.65
CA THR A 261 23.75 1.58 13.61
C THR A 261 23.96 1.00 12.20
N VAL A 262 23.05 1.36 11.29
CA VAL A 262 23.12 1.06 9.84
C VAL A 262 23.22 2.38 9.09
N LYS A 263 24.32 2.54 8.38
CA LYS A 263 24.56 3.68 7.48
C LYS A 263 24.32 3.15 6.07
N VAL A 264 23.57 3.91 5.27
CA VAL A 264 23.39 3.63 3.83
C VAL A 264 23.78 4.90 3.10
N GLU A 265 24.82 4.78 2.28
CA GLU A 265 25.40 5.91 1.52
C GLU A 265 25.32 5.60 0.03
N ILE A 266 24.89 6.56 -0.76
CA ILE A 266 24.99 6.52 -2.24
C ILE A 266 25.81 7.74 -2.65
N ALA A 267 26.99 7.50 -3.21
CA ALA A 267 27.81 8.53 -3.88
C ALA A 267 26.92 9.46 -4.70
N GLY A 268 26.95 10.75 -4.40
CA GLY A 268 26.22 11.80 -5.14
C GLY A 268 24.86 12.13 -4.53
N LEU A 269 24.37 11.37 -3.54
CA LEU A 269 23.02 11.61 -2.94
C LEU A 269 23.13 11.92 -1.45
N GLY A 270 24.19 11.48 -0.78
CA GLY A 270 24.32 11.63 0.68
C GLY A 270 24.13 10.30 1.37
N PHE A 271 23.84 10.31 2.66
CA PHE A 271 23.66 9.07 3.42
C PHE A 271 22.61 9.28 4.51
N ILE A 272 22.15 8.15 5.03
CA ILE A 272 21.22 8.03 6.16
C ILE A 272 21.94 7.16 7.17
N GLU A 273 21.58 7.28 8.44
CA GLU A 273 22.28 6.59 9.52
C GLU A 273 21.31 6.45 10.69
N ASN A 274 20.82 5.23 10.87
CA ASN A 274 19.70 4.90 11.78
C ASN A 274 20.22 3.90 12.77
N LYS A 275 20.14 4.25 14.07
CA LYS A 275 20.48 3.34 15.17
C LYS A 275 19.22 2.58 15.61
N THR A 276 19.30 1.26 15.71
CA THR A 276 18.23 0.41 16.27
C THR A 276 18.26 0.49 17.78
N VAL A 277 17.09 0.70 18.39
CA VAL A 277 16.87 0.80 19.86
C VAL A 277 15.67 -0.08 20.16
N PHE A 278 15.86 -1.12 20.96
CA PHE A 278 14.74 -1.95 21.44
C PHE A 278 13.94 -1.12 22.45
N GLU A 279 12.62 -1.10 22.31
CA GLU A 279 11.81 -0.21 23.20
C GLU A 279 11.93 -0.80 24.63
N LEU A 280 12.02 0.03 25.66
CA LEU A 280 11.99 -0.53 27.04
C LEU A 280 10.54 -0.93 27.33
N MET B 1 -27.52 0.72 10.92
CA MET B 1 -27.24 1.95 10.12
C MET B 1 -26.46 1.52 8.87
N ARG B 2 -26.81 2.09 7.71
CA ARG B 2 -26.19 1.80 6.40
C ARG B 2 -25.69 3.13 5.84
N LEU B 3 -24.39 3.25 5.57
CA LEU B 3 -23.75 4.50 5.09
C LEU B 3 -23.17 4.22 3.70
N ALA B 4 -23.52 5.07 2.75
CA ALA B 4 -23.11 4.93 1.33
C ALA B 4 -22.35 6.19 0.89
N THR B 5 -21.44 6.03 -0.06
CA THR B 5 -20.94 7.15 -0.89
C THR B 5 -21.74 7.14 -2.19
N ILE B 6 -22.41 8.25 -2.50
CA ILE B 6 -23.37 8.33 -3.65
C ILE B 6 -22.88 9.44 -4.58
N ARG B 7 -22.80 9.16 -5.88
CA ARG B 7 -22.42 10.20 -6.87
C ARG B 7 -23.63 10.45 -7.75
N THR B 8 -24.18 11.66 -7.67
CA THR B 8 -25.21 12.18 -8.61
C THR B 8 -24.49 13.10 -9.63
N ASN B 9 -24.50 12.67 -10.90
CA ASN B 9 -23.82 13.29 -12.09
C ASN B 9 -22.39 13.71 -11.70
N GLY B 10 -21.57 12.75 -11.24
CA GLY B 10 -20.13 12.91 -10.98
C GLY B 10 -19.84 13.46 -9.59
N THR B 11 -20.84 13.99 -8.88
CA THR B 11 -20.69 14.66 -7.54
C THR B 11 -20.96 13.65 -6.44
N THR B 12 -20.01 13.44 -5.49
CA THR B 12 -20.15 12.44 -4.37
C THR B 12 -20.54 13.10 -3.03
N ILE B 13 -21.32 12.34 -2.23
CA ILE B 13 -21.73 12.70 -0.84
C ILE B 13 -21.59 11.46 0.04
N ALA B 14 -21.53 11.66 1.34
CA ALA B 14 -21.80 10.62 2.35
C ALA B 14 -23.31 10.66 2.63
N ALA B 15 -23.93 9.49 2.74
CA ALA B 15 -25.40 9.41 2.83
C ALA B 15 -25.82 8.27 3.76
N ARG B 16 -26.88 8.49 4.54
N ARG B 16 -26.89 8.48 4.54
CA ARG B 16 -27.58 7.41 5.30
CA ARG B 16 -27.58 7.42 5.30
C ARG B 16 -28.56 6.73 4.34
C ARG B 16 -28.56 6.72 4.36
N VAL B 17 -28.38 5.43 4.11
CA VAL B 17 -29.28 4.65 3.23
C VAL B 17 -30.60 4.46 4.01
N GLU B 18 -31.74 4.84 3.42
CA GLU B 18 -33.05 4.79 4.11
C GLU B 18 -33.82 3.59 3.55
N SER B 19 -33.63 3.28 2.26
CA SER B 19 -34.26 2.16 1.52
C SER B 19 -33.35 1.83 0.33
N GLU B 20 -33.70 0.80 -0.41
CA GLU B 20 -32.87 0.29 -1.52
C GLU B 20 -32.60 1.43 -2.53
N ASN B 21 -33.40 2.50 -2.58
CA ASN B 21 -33.18 3.60 -3.57
C ASN B 21 -33.36 4.99 -2.96
N THR B 22 -33.43 5.15 -1.64
CA THR B 22 -33.49 6.50 -1.02
C THR B 22 -32.39 6.61 0.03
N ALA B 23 -31.93 7.83 0.19
CA ALA B 23 -30.87 8.14 1.15
C ALA B 23 -31.07 9.56 1.64
N THR B 24 -30.48 9.87 2.79
CA THR B 24 -30.41 11.26 3.31
C THR B 24 -28.94 11.66 3.29
N THR B 25 -28.62 12.76 2.61
CA THR B 25 -27.27 13.37 2.63
C THR B 25 -26.84 13.70 4.07
N ILE B 26 -25.61 13.33 4.40
CA ILE B 26 -24.95 13.79 5.63
C ILE B 26 -24.04 14.95 5.24
N GLU B 27 -24.39 16.15 5.68
CA GLU B 27 -23.75 17.39 5.19
C GLU B 27 -22.28 17.46 5.64
N GLY B 28 -21.40 17.98 4.77
CA GLY B 28 -20.03 18.37 5.15
C GLY B 28 -18.99 17.30 4.88
N PHE B 29 -19.33 16.28 4.08
CA PHE B 29 -18.48 15.09 3.81
C PHE B 29 -18.69 14.64 2.37
N ALA B 30 -17.58 14.44 1.65
CA ALA B 30 -17.58 13.98 0.25
C ALA B 30 -17.89 12.49 0.20
N ASN B 31 -17.61 11.75 1.27
CA ASN B 31 -17.74 10.26 1.23
C ASN B 31 -17.68 9.70 2.65
N VAL B 32 -17.94 8.42 2.80
CA VAL B 32 -18.09 7.76 4.14
C VAL B 32 -16.74 7.78 4.86
N GLY B 33 -15.63 7.66 4.11
CA GLY B 33 -14.27 7.76 4.68
C GLY B 33 -14.07 9.08 5.40
N GLU B 34 -14.44 10.18 4.79
CA GLU B 34 -14.32 11.53 5.39
C GLU B 34 -15.15 11.61 6.67
N LEU B 35 -16.38 11.14 6.62
CA LEU B 35 -17.27 11.06 7.81
C LEU B 35 -16.60 10.29 8.95
N LEU B 36 -15.95 9.16 8.64
CA LEU B 36 -15.45 8.24 9.68
C LEU B 36 -14.26 8.89 10.40
N GLN B 37 -13.67 9.91 9.80
CA GLN B 37 -12.55 10.68 10.44
C GLN B 37 -13.11 11.41 11.66
N GLU B 38 -14.42 11.65 11.73
CA GLU B 38 -15.04 12.35 12.90
C GLU B 38 -15.36 11.34 14.00
N SER B 39 -14.96 11.60 15.24
CA SER B 39 -15.19 10.68 16.38
C SER B 39 -16.70 10.49 16.63
N ASN B 40 -17.53 11.50 16.33
CA ASN B 40 -19.02 11.45 16.47
C ASN B 40 -19.68 11.09 15.13
N TRP B 41 -19.07 10.24 14.31
CA TRP B 41 -19.66 9.90 12.97
C TRP B 41 -21.07 9.30 13.13
N ARG B 42 -21.28 8.45 14.14
CA ARG B 42 -22.60 7.78 14.35
C ARG B 42 -23.68 8.86 14.57
N GLU B 43 -23.43 9.81 15.47
CA GLU B 43 -24.31 10.99 15.75
C GLU B 43 -24.61 11.74 14.45
N LEU B 44 -23.59 12.11 13.69
CA LEU B 44 -23.79 12.91 12.47
C LEU B 44 -24.71 12.12 11.50
N ALA B 45 -24.53 10.80 11.43
CA ALA B 45 -25.29 9.92 10.52
C ALA B 45 -26.74 9.84 11.01
N GLU B 46 -26.93 9.74 12.32
CA GLU B 46 -28.27 9.67 12.96
C GLU B 46 -29.01 11.01 12.73
N ASN B 47 -28.30 12.11 12.48
CA ASN B 47 -28.92 13.46 12.31
C ASN B 47 -28.77 13.96 10.87
N ALA B 48 -28.60 13.06 9.91
CA ALA B 48 -28.50 13.42 8.48
C ALA B 48 -29.62 14.40 8.12
N ALA B 49 -29.27 15.52 7.49
CA ALA B 49 -30.21 16.65 7.28
C ALA B 49 -29.94 17.36 5.96
N GLY B 50 -29.06 16.81 5.12
CA GLY B 50 -28.87 17.29 3.75
C GLY B 50 -29.98 16.85 2.82
N GLU B 51 -29.73 17.02 1.52
CA GLU B 51 -30.72 16.76 0.45
C GLU B 51 -31.18 15.31 0.59
N ALA B 52 -32.47 15.08 0.40
CA ALA B 52 -33.03 13.71 0.31
C ALA B 52 -32.65 13.25 -1.09
N VAL B 53 -32.16 12.03 -1.30
CA VAL B 53 -31.76 11.61 -2.67
C VAL B 53 -32.48 10.33 -3.03
N THR B 54 -32.84 10.18 -4.30
CA THR B 54 -33.31 8.90 -4.87
C THR B 54 -32.21 8.44 -5.80
N PHE B 55 -31.65 7.25 -5.61
CA PHE B 55 -30.41 6.87 -6.32
C PHE B 55 -30.64 5.58 -7.09
N GLU B 56 -30.01 5.48 -8.28
CA GLU B 56 -29.89 4.20 -9.03
C GLU B 56 -28.66 3.48 -8.49
N ASN B 57 -28.57 2.17 -8.66
CA ASN B 57 -27.44 1.35 -8.17
C ASN B 57 -26.10 1.84 -8.75
N LYS B 58 -26.05 2.24 -10.02
CA LYS B 58 -24.81 2.74 -10.67
C LYS B 58 -24.39 4.09 -10.09
N GLU B 59 -25.21 4.73 -9.24
CA GLU B 59 -24.84 6.04 -8.65
C GLU B 59 -24.13 5.83 -7.31
N LEU B 60 -24.04 4.57 -6.86
CA LEU B 60 -23.22 4.23 -5.67
C LEU B 60 -21.74 4.24 -6.08
N ASP B 61 -20.93 4.95 -5.30
CA ASP B 61 -19.46 4.98 -5.38
C ASP B 61 -18.93 3.88 -4.43
N ALA B 62 -17.64 3.55 -4.56
CA ALA B 62 -16.89 2.72 -3.59
C ALA B 62 -17.23 3.24 -2.19
N VAL B 63 -17.65 2.37 -1.28
CA VAL B 63 -18.30 2.88 -0.04
C VAL B 63 -17.29 3.75 0.72
N VAL B 64 -16.06 3.31 0.83
CA VAL B 64 -14.94 4.18 1.31
C VAL B 64 -13.99 4.29 0.15
N PRO B 65 -14.05 5.39 -0.64
CA PRO B 65 -13.31 5.44 -1.89
C PRO B 65 -11.83 5.80 -1.74
N ALA B 66 -11.42 6.42 -0.63
CA ALA B 66 -10.03 6.89 -0.40
C ALA B 66 -9.49 6.43 0.96
N PRO B 67 -9.53 5.11 1.29
CA PRO B 67 -8.88 4.65 2.52
C PRO B 67 -7.38 4.84 2.33
N LYS B 68 -6.65 5.02 3.42
CA LYS B 68 -5.17 5.08 3.36
C LYS B 68 -4.59 3.67 3.26
N LYS B 69 -5.28 2.66 3.80
CA LYS B 69 -4.81 1.25 3.80
C LYS B 69 -5.98 0.33 3.44
N ILE B 70 -5.72 -0.51 2.47
CA ILE B 70 -6.56 -1.70 2.15
C ILE B 70 -5.65 -2.90 2.35
N VAL B 71 -5.80 -3.57 3.50
CA VAL B 71 -4.95 -4.74 3.86
C VAL B 71 -5.78 -5.99 3.54
N CYS B 72 -5.32 -6.73 2.52
CA CYS B 72 -5.97 -7.93 1.99
C CYS B 72 -5.39 -9.14 2.71
N VAL B 73 -6.26 -10.08 3.03
CA VAL B 73 -5.88 -11.32 3.78
C VAL B 73 -5.95 -12.47 2.80
N GLY B 74 -4.88 -13.26 2.74
CA GLY B 74 -4.79 -14.51 1.94
C GLY B 74 -5.16 -15.73 2.77
N LEU B 75 -5.83 -16.69 2.16
CA LEU B 75 -5.92 -18.06 2.72
C LEU B 75 -6.60 -18.03 4.09
N ASN B 76 -7.86 -17.64 4.14
CA ASN B 76 -8.61 -17.41 5.39
C ASN B 76 -9.93 -18.20 5.40
N TYR B 77 -10.12 -19.13 4.45
CA TYR B 77 -11.21 -20.15 4.45
C TYR B 77 -10.58 -21.52 4.13
N ALA B 78 -10.94 -22.56 4.89
CA ALA B 78 -10.41 -23.95 4.76
C ALA B 78 -10.50 -24.42 3.31
N ASN B 79 -11.68 -24.27 2.68
CA ASN B 79 -11.96 -24.80 1.32
C ASN B 79 -11.06 -24.10 0.30
N HIS B 80 -10.82 -22.79 0.47
CA HIS B 80 -9.96 -22.00 -0.46
C HIS B 80 -8.51 -22.45 -0.30
N ILE B 81 -8.05 -22.57 0.95
CA ILE B 81 -6.71 -23.09 1.34
C ILE B 81 -6.49 -24.42 0.60
N LYS B 82 -7.43 -25.37 0.74
CA LYS B 82 -7.34 -26.72 0.11
C LYS B 82 -7.20 -26.60 -1.41
N GLU B 83 -8.10 -25.89 -2.07
CA GLU B 83 -8.15 -25.80 -3.57
C GLU B 83 -6.86 -25.17 -4.13
N MET B 84 -6.11 -24.39 -3.34
CA MET B 84 -4.87 -23.70 -3.81
C MET B 84 -3.63 -24.50 -3.42
N GLY B 85 -3.79 -25.72 -2.91
CA GLY B 85 -2.69 -26.65 -2.55
C GLY B 85 -1.88 -26.16 -1.36
N ARG B 86 -2.53 -25.57 -0.35
CA ARG B 86 -1.87 -24.90 0.81
C ARG B 86 -2.23 -25.58 2.13
N ASP B 87 -1.40 -25.35 3.15
CA ASP B 87 -1.65 -25.79 4.55
C ASP B 87 -2.48 -24.71 5.27
N LEU B 88 -3.34 -25.15 6.19
CA LEU B 88 -4.08 -24.30 7.17
C LEU B 88 -3.05 -23.48 7.94
N PRO B 89 -3.10 -22.13 7.88
CA PRO B 89 -1.99 -21.29 8.38
C PRO B 89 -2.03 -21.03 9.89
N ASP B 90 -0.84 -20.81 10.47
CA ASP B 90 -0.64 -20.40 11.88
C ASP B 90 -0.68 -18.88 11.98
N THR B 91 -0.47 -18.19 10.86
CA THR B 91 -0.17 -16.73 10.77
C THR B 91 -0.97 -16.13 9.63
N PRO B 92 -1.66 -14.97 9.81
CA PRO B 92 -2.43 -14.40 8.69
C PRO B 92 -1.48 -14.03 7.55
N THR B 93 -1.93 -14.24 6.31
CA THR B 93 -1.21 -13.78 5.09
C THR B 93 -1.74 -12.37 4.76
N LEU B 94 -0.86 -11.40 4.59
CA LEU B 94 -1.26 -9.99 4.27
C LEU B 94 -0.60 -9.53 2.98
N PHE B 95 -1.33 -8.75 2.18
CA PHE B 95 -0.76 -8.04 1.02
C PHE B 95 -1.62 -6.82 0.73
N VAL B 96 -1.13 -5.94 -0.11
CA VAL B 96 -1.76 -4.60 -0.20
C VAL B 96 -2.44 -4.43 -1.56
N LYS B 97 -3.62 -3.86 -1.54
CA LYS B 97 -4.36 -3.33 -2.70
C LYS B 97 -4.34 -1.81 -2.55
N PHE B 98 -3.91 -1.07 -3.57
CA PHE B 98 -3.97 0.42 -3.50
C PHE B 98 -5.39 0.91 -3.74
N PRO B 99 -5.78 2.06 -3.13
CA PRO B 99 -7.15 2.52 -3.23
C PRO B 99 -7.54 2.89 -4.67
N ASP B 100 -6.57 3.11 -5.57
CA ASP B 100 -6.84 3.34 -7.02
C ASP B 100 -7.53 2.10 -7.63
N ALA B 101 -7.39 0.90 -7.04
CA ALA B 101 -8.08 -0.33 -7.49
C ALA B 101 -9.59 -0.23 -7.24
N LEU B 102 -10.07 0.57 -6.29
CA LEU B 102 -11.51 0.56 -5.88
C LEU B 102 -12.42 1.16 -6.96
N ILE B 103 -13.59 0.55 -7.14
CA ILE B 103 -14.69 1.08 -8.00
C ILE B 103 -16.00 0.93 -7.23
N GLY B 104 -17.02 1.58 -7.76
CA GLY B 104 -18.39 1.47 -7.24
C GLY B 104 -18.87 0.06 -7.34
N PRO B 105 -19.84 -0.28 -6.47
CA PRO B 105 -20.38 -1.63 -6.39
C PRO B 105 -21.08 -2.12 -7.67
N PHE B 106 -21.46 -1.21 -8.57
CA PHE B 106 -22.13 -1.58 -9.85
C PHE B 106 -21.32 -1.12 -11.05
N ASP B 107 -20.14 -0.56 -10.84
CA ASP B 107 -19.30 0.02 -11.91
C ASP B 107 -18.75 -1.11 -12.78
N ASP B 108 -18.56 -0.77 -14.04
CA ASP B 108 -17.93 -1.68 -15.01
C ASP B 108 -16.45 -1.73 -14.63
N VAL B 109 -15.83 -2.87 -14.81
CA VAL B 109 -14.36 -3.03 -14.67
C VAL B 109 -13.77 -2.95 -16.08
N VAL B 110 -13.19 -1.81 -16.43
CA VAL B 110 -12.62 -1.57 -17.79
C VAL B 110 -11.17 -2.03 -17.78
N VAL B 111 -10.89 -3.13 -18.48
CA VAL B 111 -9.56 -3.81 -18.47
C VAL B 111 -8.78 -3.51 -19.74
N PRO B 112 -7.53 -3.01 -19.62
CA PRO B 112 -6.66 -2.82 -20.79
C PRO B 112 -6.18 -4.16 -21.37
N GLU B 113 -5.79 -4.14 -22.65
CA GLU B 113 -5.45 -5.34 -23.46
C GLU B 113 -4.37 -6.18 -22.74
N TRP B 114 -3.33 -5.58 -22.17
CA TRP B 114 -2.20 -6.30 -21.53
C TRP B 114 -2.63 -6.99 -20.23
N ALA B 115 -3.79 -6.65 -19.64
CA ALA B 115 -4.23 -7.16 -18.33
C ALA B 115 -5.40 -8.16 -18.46
N ASN B 116 -5.83 -8.53 -19.66
CA ASN B 116 -7.17 -9.15 -19.87
C ASN B 116 -7.10 -10.70 -20.04
N LYS B 117 -5.94 -11.33 -19.83
CA LYS B 117 -5.72 -12.74 -20.22
C LYS B 117 -6.15 -13.71 -19.10
N ALA B 118 -6.10 -13.33 -17.82
CA ALA B 118 -6.34 -14.26 -16.69
C ALA B 118 -7.12 -13.57 -15.57
N LEU B 119 -8.25 -12.96 -15.89
CA LEU B 119 -9.11 -12.20 -14.93
C LEU B 119 -9.88 -13.19 -14.06
N ASP B 120 -9.91 -12.98 -12.74
CA ASP B 120 -10.56 -13.92 -11.81
C ASP B 120 -11.29 -13.15 -10.72
N TRP B 121 -12.33 -13.79 -10.17
CA TRP B 121 -13.18 -13.24 -9.11
C TRP B 121 -12.67 -13.73 -7.77
N GLU B 122 -12.82 -12.91 -6.74
CA GLU B 122 -12.64 -13.32 -5.32
C GLU B 122 -13.65 -12.53 -4.48
N GLY B 123 -14.83 -13.10 -4.24
CA GLY B 123 -15.82 -12.46 -3.37
C GLY B 123 -15.35 -12.48 -1.93
N GLU B 124 -15.40 -11.34 -1.23
CA GLU B 124 -14.81 -11.22 0.14
C GLU B 124 -15.65 -10.29 1.01
N MET B 125 -15.67 -10.55 2.31
CA MET B 125 -16.23 -9.59 3.29
C MET B 125 -15.15 -8.56 3.64
N ALA B 126 -15.48 -7.27 3.58
CA ALA B 126 -14.58 -6.18 4.01
C ALA B 126 -14.96 -5.74 5.42
N VAL B 127 -13.95 -5.37 6.22
CA VAL B 127 -14.15 -4.76 7.56
C VAL B 127 -13.69 -3.32 7.48
N ILE B 128 -14.54 -2.38 7.88
CA ILE B 128 -14.14 -0.95 7.83
C ILE B 128 -13.85 -0.49 9.27
N ILE B 129 -12.67 0.08 9.46
CA ILE B 129 -12.18 0.56 10.80
C ILE B 129 -12.84 1.91 11.12
N GLY B 130 -13.24 2.09 12.38
CA GLY B 130 -14.06 3.21 12.90
C GLY B 130 -13.25 4.23 13.66
N LYS B 131 -12.03 3.89 14.08
CA LYS B 131 -11.13 4.84 14.79
C LYS B 131 -9.73 4.22 14.86
N ARG B 132 -8.73 5.03 15.20
CA ARG B 132 -7.30 4.67 15.02
C ARG B 132 -6.98 3.49 15.91
N ALA B 133 -6.48 2.42 15.32
CA ALA B 133 -6.24 1.12 15.98
C ALA B 133 -4.73 0.84 15.94
N ARG B 134 -4.06 0.90 17.11
CA ARG B 134 -2.61 0.64 17.25
C ARG B 134 -2.43 -0.34 18.40
N ARG B 135 -1.78 -1.49 18.16
CA ARG B 135 -1.42 -2.50 19.19
C ARG B 135 -2.68 -2.90 19.95
N VAL B 136 -3.75 -3.18 19.19
CA VAL B 136 -5.09 -3.47 19.77
C VAL B 136 -5.12 -4.96 20.07
N LYS B 137 -5.51 -5.35 21.29
CA LYS B 137 -5.73 -6.77 21.66
C LYS B 137 -7.05 -7.28 21.07
N GLN B 138 -7.08 -8.56 20.70
CA GLN B 138 -8.28 -9.25 20.13
C GLN B 138 -9.52 -8.93 20.97
N ALA B 139 -9.42 -8.99 22.29
CA ALA B 139 -10.59 -8.86 23.20
C ALA B 139 -11.22 -7.47 23.08
N ASP B 140 -10.47 -6.47 22.58
CA ASP B 140 -10.91 -5.05 22.49
C ASP B 140 -11.18 -4.68 21.04
N ALA B 141 -10.87 -5.56 20.08
CA ALA B 141 -10.80 -5.16 18.65
C ALA B 141 -12.19 -4.79 18.11
N ALA B 142 -13.27 -5.38 18.62
CA ALA B 142 -14.62 -5.12 18.05
C ALA B 142 -15.00 -3.63 18.17
N GLU B 143 -14.49 -2.90 19.17
CA GLU B 143 -14.69 -1.42 19.36
C GLU B 143 -14.21 -0.62 18.16
N TYR B 144 -13.29 -1.18 17.37
CA TYR B 144 -12.58 -0.45 16.28
C TYR B 144 -13.20 -0.72 14.92
N ILE B 145 -14.25 -1.50 14.88
CA ILE B 145 -14.98 -1.87 13.62
C ILE B 145 -16.16 -0.91 13.47
N ALA B 146 -16.12 -0.06 12.44
CA ALA B 146 -17.27 0.80 12.08
C ALA B 146 -18.37 -0.08 11.48
N GLY B 147 -18.00 -1.03 10.63
CA GLY B 147 -19.02 -1.86 9.96
C GLY B 147 -18.40 -2.69 8.87
N TYR B 148 -19.26 -3.26 8.03
CA TYR B 148 -18.89 -4.27 7.02
C TYR B 148 -19.47 -3.92 5.66
N ALA B 149 -18.83 -4.48 4.64
CA ALA B 149 -19.29 -4.36 3.25
C ALA B 149 -18.74 -5.53 2.46
N VAL B 150 -18.90 -5.44 1.14
CA VAL B 150 -18.54 -6.54 0.23
C VAL B 150 -17.48 -6.00 -0.71
N MET B 151 -16.47 -6.81 -1.02
CA MET B 151 -15.51 -6.40 -2.09
C MET B 151 -15.26 -7.61 -2.98
N ASN B 152 -15.02 -7.35 -4.26
CA ASN B 152 -14.38 -8.33 -5.18
C ASN B 152 -12.88 -8.01 -5.21
N ASP B 153 -12.04 -8.93 -4.70
CA ASP B 153 -10.56 -8.83 -4.75
C ASP B 153 -10.16 -9.25 -6.16
N TYR B 154 -10.51 -8.41 -7.13
CA TYR B 154 -10.50 -8.74 -8.57
C TYR B 154 -9.05 -8.93 -9.01
N THR B 155 -8.75 -10.07 -9.62
CA THR B 155 -7.36 -10.57 -9.68
C THR B 155 -6.93 -10.73 -11.15
N THR B 156 -5.73 -10.28 -11.49
CA THR B 156 -5.04 -10.60 -12.78
C THR B 156 -4.03 -11.73 -12.49
N ARG B 157 -4.42 -12.98 -12.67
CA ARG B 157 -3.66 -14.15 -12.12
C ARG B 157 -2.26 -14.28 -12.74
N ASP B 158 -2.12 -13.86 -14.01
CA ASP B 158 -0.81 -13.87 -14.73
C ASP B 158 0.13 -12.85 -14.08
N PHE B 159 -0.33 -11.65 -13.72
CA PHE B 159 0.51 -10.69 -12.96
C PHE B 159 0.77 -11.22 -11.55
N GLN B 160 -0.24 -11.82 -10.93
CA GLN B 160 -0.20 -12.21 -9.50
C GLN B 160 0.95 -13.18 -9.22
N TYR B 161 1.23 -14.08 -10.16
CA TYR B 161 2.16 -15.22 -10.00
C TYR B 161 3.42 -14.98 -10.83
N ALA B 162 3.63 -13.76 -11.37
CA ALA B 162 4.78 -13.45 -12.26
C ALA B 162 6.12 -13.39 -11.53
N ALA B 163 6.27 -12.75 -10.37
CA ALA B 163 7.61 -12.28 -9.92
C ALA B 163 7.68 -12.21 -8.41
N PRO B 164 8.71 -12.80 -7.75
CA PRO B 164 9.61 -13.77 -8.39
C PRO B 164 8.95 -15.14 -8.66
N ALA B 165 9.43 -15.87 -9.65
CA ALA B 165 8.74 -17.10 -10.15
C ALA B 165 8.48 -18.10 -9.00
N LYS B 166 9.40 -18.26 -8.06
CA LYS B 166 9.31 -19.34 -7.04
C LYS B 166 8.39 -18.93 -5.88
N THR B 167 8.47 -17.68 -5.44
CA THR B 167 7.72 -17.13 -4.29
C THR B 167 7.13 -15.80 -4.75
N PRO B 168 6.16 -15.82 -5.69
CA PRO B 168 5.67 -14.58 -6.28
C PRO B 168 5.01 -13.64 -5.26
N GLN B 169 5.30 -12.34 -5.36
CA GLN B 169 4.56 -11.30 -4.56
C GLN B 169 3.28 -10.94 -5.34
N TRP B 170 2.14 -11.13 -4.70
CA TRP B 170 0.81 -11.14 -5.37
C TRP B 170 0.38 -9.71 -5.74
N HIS B 171 0.97 -8.70 -5.08
CA HIS B 171 0.52 -7.28 -5.10
C HIS B 171 0.21 -6.79 -6.52
N GLN B 172 1.12 -7.01 -7.46
CA GLN B 172 0.95 -6.47 -8.83
C GLN B 172 -0.27 -7.11 -9.54
N GLY B 173 -0.74 -8.28 -9.11
CA GLY B 173 -1.94 -8.94 -9.68
C GLY B 173 -3.20 -8.65 -8.88
N LYS B 174 -3.08 -7.83 -7.83
CA LYS B 174 -4.12 -7.56 -6.82
C LYS B 174 -4.41 -6.07 -6.66
N SER B 175 -3.93 -5.23 -7.57
CA SER B 175 -4.09 -3.75 -7.44
C SER B 175 -4.29 -3.08 -8.82
N LEU B 176 -4.82 -3.80 -9.79
CA LEU B 176 -5.17 -3.21 -11.11
C LEU B 176 -6.05 -1.99 -10.86
N GLU B 177 -5.74 -0.84 -11.45
CA GLU B 177 -6.58 0.35 -11.19
C GLU B 177 -8.05 0.07 -11.58
N LYS B 178 -8.98 0.62 -10.82
CA LYS B 178 -10.41 0.59 -11.17
C LYS B 178 -10.89 -0.84 -11.46
N SER B 179 -10.63 -1.78 -10.54
CA SER B 179 -10.89 -3.23 -10.73
C SER B 179 -11.83 -3.81 -9.64
N ALA B 180 -11.88 -3.23 -8.43
CA ALA B 180 -12.43 -3.93 -7.25
C ALA B 180 -13.73 -3.23 -6.78
N GLY B 181 -14.88 -3.78 -7.14
CA GLY B 181 -16.18 -3.28 -6.65
C GLY B 181 -16.25 -3.34 -5.14
N PHE B 182 -16.81 -2.30 -4.51
CA PHE B 182 -16.75 -2.15 -3.04
C PHE B 182 -18.02 -1.47 -2.54
N GLY B 183 -18.86 -2.23 -1.85
CA GLY B 183 -20.09 -1.68 -1.25
C GLY B 183 -21.05 -2.81 -0.88
N PRO B 184 -22.37 -2.69 -1.15
CA PRO B 184 -22.97 -1.50 -1.78
C PRO B 184 -22.92 -0.27 -0.86
N TRP B 185 -22.75 -0.55 0.43
CA TRP B 185 -22.72 0.44 1.52
C TRP B 185 -22.20 -0.27 2.77
N MET B 186 -21.83 0.49 3.78
CA MET B 186 -21.29 -0.11 5.04
C MET B 186 -22.47 -0.35 5.98
N THR B 187 -22.62 -1.57 6.46
CA THR B 187 -23.59 -1.93 7.51
C THR B 187 -22.88 -1.94 8.87
N THR B 188 -23.43 -1.23 9.88
CA THR B 188 -22.90 -1.22 11.27
C THR B 188 -23.18 -2.59 11.91
N PRO B 189 -22.31 -3.07 12.83
CA PRO B 189 -22.44 -4.40 13.44
C PRO B 189 -23.73 -4.63 14.23
N ASP B 190 -24.38 -3.56 14.69
CA ASP B 190 -25.69 -3.67 15.39
C ASP B 190 -26.75 -4.11 14.38
N SER B 191 -26.52 -4.02 13.06
CA SER B 191 -27.63 -4.07 12.08
C SER B 191 -27.52 -5.22 11.08
N PHE B 192 -26.79 -6.28 11.37
CA PHE B 192 -26.89 -7.56 10.61
C PHE B 192 -26.37 -8.70 11.47
N GLU B 193 -26.80 -9.92 11.12
CA GLU B 193 -26.37 -11.20 11.75
C GLU B 193 -25.03 -11.63 11.14
N PHE B 194 -23.94 -11.53 11.89
CA PHE B 194 -22.60 -11.93 11.41
C PHE B 194 -22.63 -13.43 11.06
N GLY B 195 -21.90 -13.82 10.02
CA GLY B 195 -21.62 -15.24 9.79
C GLY B 195 -22.35 -15.84 8.59
N GLY B 196 -23.18 -15.07 7.88
CA GLY B 196 -24.08 -15.57 6.82
C GLY B 196 -23.34 -15.95 5.55
N GLU B 197 -24.07 -16.44 4.54
CA GLU B 197 -23.54 -16.99 3.27
C GLU B 197 -22.84 -15.88 2.49
N LEU B 198 -21.59 -16.12 2.08
CA LEU B 198 -20.89 -15.33 1.02
C LEU B 198 -21.04 -16.08 -0.30
N ALA B 199 -21.69 -15.46 -1.29
CA ALA B 199 -22.01 -16.10 -2.57
C ALA B 199 -21.48 -15.24 -3.74
N THR B 200 -20.83 -15.87 -4.70
CA THR B 200 -20.38 -15.18 -5.94
C THR B 200 -21.02 -15.84 -7.17
N TYR B 201 -21.42 -15.02 -8.13
CA TYR B 201 -22.07 -15.48 -9.39
C TYR B 201 -21.32 -14.90 -10.58
N LEU B 202 -20.99 -15.76 -11.54
CA LEU B 202 -20.44 -15.37 -12.84
C LEU B 202 -21.49 -15.68 -13.91
N GLU B 203 -22.02 -14.64 -14.59
CA GLU B 203 -23.07 -14.84 -15.62
C GLU B 203 -24.20 -15.66 -14.97
N GLY B 204 -24.52 -15.35 -13.71
CA GLY B 204 -25.69 -15.90 -13.01
C GLY B 204 -25.43 -17.27 -12.43
N GLU B 205 -24.34 -17.95 -12.77
CA GLU B 205 -23.96 -19.25 -12.14
C GLU B 205 -23.22 -19.01 -10.82
N LYS B 206 -23.63 -19.69 -9.76
CA LYS B 206 -23.02 -19.60 -8.41
C LYS B 206 -21.66 -20.32 -8.45
N VAL B 207 -20.58 -19.58 -8.20
CA VAL B 207 -19.17 -20.08 -8.30
C VAL B 207 -18.52 -20.04 -6.92
N GLN B 208 -19.11 -19.30 -5.96
CA GLN B 208 -18.65 -19.33 -4.55
C GLN B 208 -19.88 -19.39 -3.66
N SER B 209 -19.77 -20.17 -2.59
CA SER B 209 -20.80 -20.34 -1.54
C SER B 209 -20.15 -20.83 -0.25
N THR B 210 -19.91 -19.94 0.72
CA THR B 210 -19.43 -20.30 2.07
C THR B 210 -19.96 -19.30 3.10
N PRO B 211 -20.34 -19.77 4.30
CA PRO B 211 -20.67 -18.86 5.39
C PRO B 211 -19.44 -18.06 5.87
N THR B 212 -19.64 -16.80 6.21
CA THR B 212 -18.55 -15.95 6.73
C THR B 212 -18.08 -16.41 8.13
N ASN B 213 -18.81 -17.26 8.86
CA ASN B 213 -18.20 -17.67 10.15
C ASN B 213 -17.32 -18.91 9.92
N ASP B 214 -16.94 -19.25 8.68
CA ASP B 214 -15.87 -20.26 8.44
C ASP B 214 -14.52 -19.55 8.32
N LEU B 215 -14.45 -18.23 8.54
CA LEU B 215 -13.15 -17.50 8.57
C LEU B 215 -12.18 -18.21 9.53
N VAL B 216 -10.96 -18.49 9.09
CA VAL B 216 -9.89 -19.07 9.94
C VAL B 216 -9.49 -18.03 10.99
N PHE B 217 -9.15 -16.82 10.54
CA PHE B 217 -8.81 -15.66 11.42
C PHE B 217 -9.98 -14.67 11.43
N SER B 218 -10.52 -14.36 12.61
CA SER B 218 -11.71 -13.48 12.78
C SER B 218 -11.31 -12.05 12.50
N PRO B 219 -12.24 -11.15 12.14
CA PRO B 219 -11.89 -9.74 12.05
C PRO B 219 -11.11 -9.27 13.30
N GLU B 220 -11.49 -9.74 14.49
CA GLU B 220 -10.88 -9.32 15.77
C GLU B 220 -9.42 -9.78 15.78
N LYS B 221 -9.17 -11.04 15.45
CA LYS B 221 -7.80 -11.57 15.37
C LYS B 221 -7.01 -10.82 14.29
N LEU B 222 -7.61 -10.47 13.16
CA LEU B 222 -6.92 -9.74 12.05
C LEU B 222 -6.51 -8.34 12.53
N ILE B 223 -7.36 -7.65 13.32
CA ILE B 223 -7.04 -6.31 13.85
C ILE B 223 -5.86 -6.42 14.81
N GLU B 224 -5.86 -7.41 15.71
CA GLU B 224 -4.75 -7.57 16.66
C GLU B 224 -3.46 -7.80 15.86
N TYR B 225 -3.48 -8.71 14.88
CA TYR B 225 -2.26 -9.12 14.16
C TYR B 225 -1.70 -7.91 13.40
N ILE B 226 -2.53 -7.27 12.58
CA ILE B 226 -2.12 -6.14 11.68
C ILE B 226 -1.61 -5.00 12.56
N THR B 227 -2.36 -4.63 13.62
CA THR B 227 -2.09 -3.39 14.36
C THR B 227 -0.88 -3.52 15.28
N HIS B 228 -0.28 -4.71 15.45
CA HIS B 228 1.01 -4.85 16.16
C HIS B 228 2.15 -4.67 15.16
N ILE B 229 1.84 -4.46 13.88
CA ILE B 229 2.87 -4.17 12.84
C ILE B 229 2.79 -2.68 12.49
N TYR B 230 1.60 -2.21 12.11
CA TYR B 230 1.38 -0.77 11.86
C TYR B 230 -0.06 -0.45 12.22
N PRO B 231 -0.35 0.84 12.50
CA PRO B 231 -1.72 1.24 12.80
C PRO B 231 -2.69 1.15 11.61
N LEU B 232 -3.96 1.01 11.94
CA LEU B 232 -5.08 1.21 11.01
C LEU B 232 -5.83 2.47 11.47
N ASP B 233 -6.09 3.37 10.53
CA ASP B 233 -6.86 4.62 10.80
C ASP B 233 -8.34 4.40 10.52
N ALA B 234 -9.17 5.26 11.10
CA ALA B 234 -10.59 5.39 10.71
C ALA B 234 -10.65 5.37 9.19
N GLY B 235 -11.52 4.52 8.62
CA GLY B 235 -11.78 4.49 7.18
C GLY B 235 -10.90 3.50 6.45
N ASP B 236 -9.92 2.88 7.11
CA ASP B 236 -9.06 1.83 6.50
C ASP B 236 -9.87 0.56 6.41
N VAL B 237 -9.40 -0.35 5.59
CA VAL B 237 -10.18 -1.54 5.18
C VAL B 237 -9.32 -2.79 5.33
N ILE B 238 -9.89 -3.81 5.98
CA ILE B 238 -9.37 -5.19 5.98
C ILE B 238 -10.26 -6.03 5.05
N VAL B 239 -9.69 -6.66 4.04
CA VAL B 239 -10.42 -7.56 3.11
C VAL B 239 -10.09 -8.99 3.56
N THR B 240 -11.06 -9.69 4.12
CA THR B 240 -10.83 -10.84 5.05
C THR B 240 -10.56 -12.15 4.32
N GLY B 241 -10.58 -12.15 2.98
CA GLY B 241 -10.21 -13.30 2.15
C GLY B 241 -11.40 -13.89 1.41
N THR B 242 -11.11 -14.68 0.40
CA THR B 242 -12.12 -15.34 -0.47
C THR B 242 -12.22 -16.81 -0.06
N PRO B 243 -13.44 -17.39 -0.06
CA PRO B 243 -13.60 -18.84 0.06
C PRO B 243 -13.30 -19.59 -1.24
N GLY B 244 -13.62 -20.90 -1.26
CA GLY B 244 -13.42 -21.74 -2.44
C GLY B 244 -14.21 -21.32 -3.66
N GLY B 245 -13.80 -21.83 -4.83
CA GLY B 245 -14.52 -21.70 -6.11
C GLY B 245 -13.97 -20.62 -7.02
N VAL B 246 -12.74 -20.16 -6.82
CA VAL B 246 -12.11 -19.15 -7.73
C VAL B 246 -11.88 -19.82 -9.09
N GLY B 247 -11.97 -19.03 -10.16
CA GLY B 247 -11.81 -19.50 -11.55
C GLY B 247 -10.46 -20.17 -11.77
N HIS B 248 -9.40 -19.66 -11.15
CA HIS B 248 -8.02 -20.19 -11.31
C HIS B 248 -7.93 -21.67 -10.86
N ALA B 249 -8.76 -22.07 -9.88
CA ALA B 249 -8.72 -23.40 -9.20
C ALA B 249 -9.73 -24.39 -9.82
N ARG B 250 -10.49 -23.97 -10.81
CA ARG B 250 -11.65 -24.77 -11.30
C ARG B 250 -11.19 -25.77 -12.35
N ASN B 251 -11.97 -26.84 -12.51
CA ASN B 251 -11.76 -27.97 -13.45
C ASN B 251 -12.98 -28.00 -14.34
N PRO B 252 -12.95 -27.38 -15.55
CA PRO B 252 -11.75 -26.73 -16.08
C PRO B 252 -11.50 -25.30 -15.55
N GLN B 253 -10.28 -24.81 -15.73
CA GLN B 253 -9.87 -23.42 -15.39
C GLN B 253 -10.76 -22.44 -16.12
N ARG B 254 -11.19 -21.39 -15.42
CA ARG B 254 -12.17 -20.41 -15.95
C ARG B 254 -11.75 -18.99 -15.54
N TYR B 255 -11.62 -18.11 -16.52
CA TYR B 255 -11.30 -16.68 -16.32
C TYR B 255 -12.45 -15.86 -16.91
N ILE B 256 -12.49 -14.60 -16.48
CA ILE B 256 -13.59 -13.66 -16.81
C ILE B 256 -13.31 -13.17 -18.24
N GLY B 257 -14.31 -13.31 -19.13
CA GLY B 257 -14.24 -12.82 -20.51
C GLY B 257 -14.93 -11.50 -20.68
N ASP B 258 -14.80 -10.90 -21.86
CA ASP B 258 -15.38 -9.57 -22.19
C ASP B 258 -16.89 -9.61 -22.01
N GLY B 259 -17.44 -8.62 -21.30
CA GLY B 259 -18.88 -8.42 -21.07
C GLY B 259 -19.44 -9.29 -19.96
N GLU B 260 -18.65 -10.13 -19.28
CA GLU B 260 -19.19 -11.03 -18.23
C GLU B 260 -19.29 -10.28 -16.89
N THR B 261 -20.32 -10.62 -16.11
CA THR B 261 -20.69 -9.95 -14.83
C THR B 261 -20.43 -10.87 -13.63
N VAL B 262 -19.79 -10.30 -12.61
CA VAL B 262 -19.55 -10.98 -11.32
C VAL B 262 -20.35 -10.24 -10.26
N LYS B 263 -21.26 -10.96 -9.62
CA LYS B 263 -22.08 -10.46 -8.49
C LYS B 263 -21.52 -11.09 -7.23
N VAL B 264 -21.32 -10.30 -6.17
CA VAL B 264 -20.89 -10.88 -4.87
C VAL B 264 -21.95 -10.47 -3.86
N GLU B 265 -22.46 -11.42 -3.08
CA GLU B 265 -23.54 -11.10 -2.12
C GLU B 265 -23.17 -11.69 -0.78
N ILE B 266 -23.38 -10.95 0.31
CA ILE B 266 -23.23 -11.48 1.69
C ILE B 266 -24.54 -11.22 2.43
N ALA B 267 -25.10 -12.29 3.01
CA ALA B 267 -26.37 -12.23 3.79
C ALA B 267 -26.28 -11.08 4.79
N GLY B 268 -27.23 -10.16 4.71
CA GLY B 268 -27.40 -9.02 5.63
C GLY B 268 -26.61 -7.80 5.19
N LEU B 269 -25.76 -7.90 4.16
CA LEU B 269 -24.87 -6.77 3.77
C LEU B 269 -25.26 -6.22 2.39
N GLY B 270 -26.04 -6.96 1.59
CA GLY B 270 -26.34 -6.54 0.22
C GLY B 270 -25.34 -7.14 -0.75
N PHE B 271 -25.26 -6.60 -1.96
CA PHE B 271 -24.41 -7.21 -3.02
C PHE B 271 -23.85 -6.12 -3.92
N ILE B 272 -22.82 -6.50 -4.64
CA ILE B 272 -22.16 -5.74 -5.73
C ILE B 272 -22.27 -6.57 -6.99
N GLU B 273 -22.18 -5.92 -8.14
CA GLU B 273 -22.40 -6.55 -9.47
C GLU B 273 -21.59 -5.74 -10.49
N ASN B 274 -20.47 -6.31 -10.95
CA ASN B 274 -19.47 -5.57 -11.77
C ASN B 274 -19.31 -6.27 -13.11
N LYS B 275 -19.57 -5.55 -14.19
CA LYS B 275 -19.43 -6.07 -15.57
C LYS B 275 -18.00 -5.75 -16.02
N THR B 276 -17.27 -6.77 -16.47
CA THR B 276 -15.94 -6.62 -17.10
C THR B 276 -16.14 -6.15 -18.55
N VAL B 277 -15.44 -5.07 -18.92
CA VAL B 277 -15.45 -4.48 -20.28
C VAL B 277 -14.00 -4.41 -20.77
N PHE B 278 -13.66 -5.14 -21.83
CA PHE B 278 -12.32 -5.02 -22.45
C PHE B 278 -12.24 -3.62 -23.09
N GLU B 279 -11.15 -2.88 -22.89
CA GLU B 279 -10.98 -1.50 -23.40
C GLU B 279 -11.09 -1.38 -24.93
N LEU B 280 -11.59 -0.22 -25.41
CA LEU B 280 -11.90 0.12 -26.84
C LEU B 280 -10.78 -0.35 -27.77
#